data_6ETW
#
_entry.id   6ETW
#
_cell.length_a   71.674
_cell.length_b   71.674
_cell.length_c   150.662
_cell.angle_alpha   90.000
_cell.angle_beta   90.000
_cell.angle_gamma   90.000
#
_symmetry.space_group_name_H-M   'P 43 21 2'
#
loop_
_entity.id
_entity.type
_entity.pdbx_description
1 polymer 'Lysine-specific demethylase 4D'
2 non-polymer 'ZINC ION'
3 non-polymer 'CHLORIDE ION'
4 non-polymer 1,2-ETHANEDIOL
5 non-polymer 'SULFATE ION'
6 non-polymer 'NICKEL (II) ION'
7 non-polymer [4-(2~{H}-1,2,3,4-tetrazol-5-yl)butanoylamino]azanium
8 non-polymer GLYCEROL
9 water water
#
_entity_poly.entity_id   1
_entity_poly.type   'polypeptide(L)'
_entity_poly.pdbx_seq_one_letter_code
;METMKSKANCAQNPNCNIMIFHPTKEEFNDFDKYIAYMESQGAHRAGLAKIIPPKEWKARETYDNISEILIATPLQQVAS
GRAGVFTQYHKKKKAMTVGEYRHLANSKKYQTPPHQNFEDLERKYWKNRIYNSPIYGADISGSLFDENTKQWNLGHLGTI
QDLLEKECGVVIEGVNTPYLYFGMWKTTFAWHTEDMDLYSINYLHLGEPKTWYVVPPEHGQRLERLARELFPGSSRGCGA
FLRHKVALISPTVLKENGIPFNRITQEAGEFMVTFPYGYHAGFNHGFNCAEAINFATPRWIDYGKMASQCSCGEARVTFS
MDAFVRILQPERYDLWKRGQDR
;
_entity_poly.pdbx_strand_id   A
#
loop_
_chem_comp.id
_chem_comp.type
_chem_comp.name
_chem_comp.formula
BX5 non-polymer [4-(2~{H}-1,2,3,4-tetrazol-5-yl)butanoylamino]azanium 'C5 H11 N6 O 1'
CL non-polymer 'CHLORIDE ION' 'Cl -1'
EDO non-polymer 1,2-ETHANEDIOL 'C2 H6 O2'
GOL non-polymer GLYCEROL 'C3 H8 O3'
NI non-polymer 'NICKEL (II) ION' 'Ni 2'
SO4 non-polymer 'SULFATE ION' 'O4 S -2'
ZN non-polymer 'ZINC ION' 'Zn 2'
#
# COMPACT_ATOMS: atom_id res chain seq x y z
N ALA A 11 -27.94 4.48 3.35
CA ALA A 11 -26.55 4.20 2.88
C ALA A 11 -25.48 4.47 3.94
N GLN A 12 -24.70 3.48 4.31
CA GLN A 12 -23.71 3.61 5.34
C GLN A 12 -22.49 4.41 4.91
N ASN A 13 -22.01 5.23 5.81
CA ASN A 13 -20.84 6.10 5.63
C ASN A 13 -20.91 6.90 4.33
N PRO A 14 -21.99 7.66 4.14
CA PRO A 14 -22.13 8.41 2.86
C PRO A 14 -21.07 9.44 2.59
N ASN A 15 -20.43 10.01 3.64
CA ASN A 15 -19.37 10.98 3.44
C ASN A 15 -18.00 10.33 3.23
N CYS A 16 -17.97 8.97 3.23
CA CYS A 16 -16.74 8.21 2.87
C CYS A 16 -15.64 8.51 3.87
N ASN A 17 -15.93 8.63 5.15
CA ASN A 17 -14.93 8.83 6.18
C ASN A 17 -14.15 7.53 6.45
N ILE A 18 -12.90 7.67 6.79
CA ILE A 18 -12.09 6.52 7.26
C ILE A 18 -12.61 6.11 8.58
N MET A 19 -12.99 4.87 8.69
CA MET A 19 -13.51 4.24 9.89
C MET A 19 -12.44 3.49 10.61
N ILE A 20 -12.53 3.41 11.91
CA ILE A 20 -11.61 2.71 12.80
C ILE A 20 -12.38 1.70 13.59
N PHE A 21 -11.87 0.47 13.56
CA PHE A 21 -12.53 -0.69 14.21
C PHE A 21 -11.71 -1.24 15.36
N HIS A 22 -12.41 -1.70 16.38
CA HIS A 22 -11.86 -2.32 17.52
C HIS A 22 -12.45 -3.69 17.78
N PRO A 23 -12.09 -4.68 16.93
CA PRO A 23 -12.68 -6.03 17.12
C PRO A 23 -12.30 -6.66 18.44
N THR A 24 -13.24 -7.38 19.02
CA THR A 24 -12.91 -8.18 20.15
C THR A 24 -12.10 -9.43 19.75
N LYS A 25 -11.58 -10.15 20.77
CA LYS A 25 -10.85 -11.33 20.43
C LYS A 25 -11.68 -12.32 19.67
N GLU A 26 -12.97 -12.43 19.98
CA GLU A 26 -13.82 -13.36 19.28
C GLU A 26 -14.04 -12.88 17.83
N GLU A 27 -14.23 -11.60 17.63
CA GLU A 27 -14.44 -11.03 16.30
C GLU A 27 -13.20 -11.11 15.39
N PHE A 28 -12.05 -11.29 16.01
CA PHE A 28 -10.75 -11.38 15.33
C PHE A 28 -10.43 -12.77 14.79
N ASN A 29 -11.26 -13.73 15.08
CA ASN A 29 -11.04 -15.06 14.61
C ASN A 29 -11.22 -15.29 13.15
N ASP A 30 -12.28 -14.79 12.57
CA ASP A 30 -12.65 -15.05 11.22
C ASP A 30 -12.41 -13.80 10.35
N PHE A 31 -11.28 -13.80 9.66
CA PHE A 31 -10.86 -12.62 8.87
C PHE A 31 -11.89 -12.20 7.86
N ASP A 32 -12.36 -13.06 6.99
N ASP A 32 -12.34 -13.07 7.03
CA ASP A 32 -13.27 -12.72 5.93
CA ASP A 32 -13.26 -12.73 5.99
C ASP A 32 -14.56 -12.15 6.53
C ASP A 32 -14.57 -12.17 6.54
N LYS A 33 -15.00 -12.72 7.63
CA LYS A 33 -16.25 -12.32 8.23
C LYS A 33 -16.10 -10.85 8.67
N TYR A 34 -14.96 -10.52 9.25
CA TYR A 34 -14.77 -9.13 9.75
C TYR A 34 -14.63 -8.16 8.62
N ILE A 35 -13.97 -8.52 7.54
CA ILE A 35 -13.90 -7.63 6.37
C ILE A 35 -15.32 -7.36 5.93
N ALA A 36 -16.15 -8.41 5.80
CA ALA A 36 -17.55 -8.22 5.42
C ALA A 36 -18.29 -7.35 6.41
N TYR A 37 -18.03 -7.49 7.67
CA TYR A 37 -18.71 -6.68 8.67
C TYR A 37 -18.32 -5.21 8.46
N MET A 38 -17.02 -4.94 8.29
N MET A 38 -17.03 -4.93 8.28
CA MET A 38 -16.57 -3.56 8.09
CA MET A 38 -16.59 -3.55 8.09
C MET A 38 -17.26 -2.97 6.89
C MET A 38 -17.30 -2.99 6.89
N GLU A 39 -17.40 -3.74 5.83
CA GLU A 39 -18.10 -3.25 4.63
CA GLU A 39 -18.12 -3.29 4.63
C GLU A 39 -19.62 -3.04 4.92
N SER A 40 -20.22 -3.85 5.75
CA SER A 40 -21.63 -3.64 6.11
C SER A 40 -21.81 -2.29 6.76
N GLN A 41 -20.79 -1.76 7.40
CA GLN A 41 -20.80 -0.47 8.07
C GLN A 41 -20.35 0.63 7.16
N GLY A 42 -20.06 0.35 5.91
CA GLY A 42 -19.65 1.35 4.93
C GLY A 42 -18.19 1.66 4.89
N ALA A 43 -17.35 0.87 5.53
CA ALA A 43 -15.95 1.19 5.61
C ALA A 43 -15.26 1.33 4.26
N HIS A 44 -15.61 0.53 3.34
CA HIS A 44 -15.00 0.54 2.02
C HIS A 44 -15.17 1.84 1.24
N ARG A 45 -16.20 2.58 1.57
CA ARG A 45 -16.47 3.84 0.89
C ARG A 45 -15.31 4.81 1.00
N ALA A 46 -14.59 4.76 2.09
CA ALA A 46 -13.44 5.56 2.29
C ALA A 46 -12.22 5.18 1.45
N GLY A 47 -12.14 3.87 1.14
CA GLY A 47 -10.96 3.31 0.49
C GLY A 47 -9.98 2.74 1.45
N LEU A 48 -10.02 3.03 2.74
CA LEU A 48 -9.06 2.66 3.76
C LEU A 48 -9.75 2.49 5.06
N ALA A 49 -9.43 1.55 5.92
CA ALA A 49 -9.95 1.48 7.23
C ALA A 49 -8.79 1.09 8.13
N LYS A 50 -8.85 1.50 9.41
CA LYS A 50 -7.92 1.11 10.43
C LYS A 50 -8.57 0.07 11.31
N ILE A 51 -7.77 -0.95 11.69
CA ILE A 51 -8.17 -1.99 12.60
C ILE A 51 -7.21 -2.13 13.74
N ILE A 52 -7.72 -1.86 14.96
CA ILE A 52 -6.88 -1.93 16.11
CA ILE A 52 -6.92 -1.97 16.17
C ILE A 52 -7.14 -3.31 16.74
N PRO A 53 -6.11 -4.14 16.81
CA PRO A 53 -6.36 -5.52 17.29
CA PRO A 53 -6.40 -5.51 17.29
C PRO A 53 -6.75 -5.53 18.78
N PRO A 54 -7.45 -6.56 19.22
CA PRO A 54 -7.77 -6.64 20.64
C PRO A 54 -6.50 -6.71 21.48
N LYS A 55 -6.66 -6.28 22.73
CA LYS A 55 -5.53 -6.21 23.62
C LYS A 55 -4.87 -7.58 23.88
N GLU A 56 -5.61 -8.64 23.69
CA GLU A 56 -5.08 -9.98 23.95
C GLU A 56 -4.14 -10.48 22.83
N TRP A 57 -4.06 -9.75 21.71
CA TRP A 57 -3.39 -10.24 20.52
C TRP A 57 -2.00 -9.70 20.41
N LYS A 58 -1.12 -10.48 19.93
CA LYS A 58 0.20 -9.99 19.49
CA LYS A 58 0.24 -10.05 19.53
C LYS A 58 0.71 -10.74 18.10
N ALA A 59 1.46 -9.96 17.34
CA ALA A 59 1.95 -10.50 16.08
C ALA A 59 3.07 -11.51 16.31
N ARG A 60 3.97 -11.21 17.23
CA ARG A 60 5.06 -12.13 17.61
C ARG A 60 5.52 -11.65 18.97
N GLU A 61 6.39 -12.41 19.57
CA GLU A 61 6.80 -12.10 20.94
CA GLU A 61 6.82 -12.14 20.92
C GLU A 61 7.68 -10.87 21.05
N THR A 62 8.74 -10.79 20.27
N THR A 62 8.72 -10.80 20.22
CA THR A 62 9.58 -9.58 20.29
CA THR A 62 9.76 -9.79 20.35
C THR A 62 10.12 -9.30 18.92
C THR A 62 10.33 -9.40 18.99
N TYR A 63 10.68 -8.12 18.79
CA TYR A 63 11.34 -7.72 17.57
C TYR A 63 12.85 -7.60 17.84
N ASP A 64 13.33 -8.31 18.84
CA ASP A 64 14.75 -8.22 19.22
C ASP A 64 15.73 -8.93 18.29
N ASN A 65 15.22 -9.77 17.46
CA ASN A 65 16.03 -10.63 16.66
CA ASN A 65 16.07 -10.68 16.62
C ASN A 65 16.03 -10.53 15.03
N ILE A 66 15.60 -9.29 14.68
CA ILE A 66 15.33 -8.98 13.30
C ILE A 66 16.49 -8.35 12.54
N SER A 67 17.61 -8.06 13.22
CA SER A 67 18.64 -7.21 12.60
CA SER A 67 18.63 -7.22 12.60
C SER A 67 19.41 -7.86 11.46
N GLU A 68 19.36 -9.20 11.34
CA GLU A 68 20.09 -9.90 10.33
C GLU A 68 19.30 -10.16 9.10
N ILE A 69 18.04 -9.76 9.04
CA ILE A 69 17.35 -9.72 7.76
C ILE A 69 18.10 -8.89 6.77
N LEU A 70 18.20 -9.34 5.52
CA LEU A 70 18.85 -8.59 4.47
C LEU A 70 17.87 -7.80 3.63
N ILE A 71 18.26 -6.56 3.37
CA ILE A 71 17.66 -5.70 2.36
C ILE A 71 18.55 -5.76 1.17
N ALA A 72 18.23 -6.68 0.26
CA ALA A 72 19.17 -6.96 -0.82
C ALA A 72 19.35 -5.79 -1.78
N THR A 73 18.30 -5.00 -1.97
CA THR A 73 18.36 -3.88 -2.89
C THR A 73 17.63 -2.69 -2.27
N PRO A 74 18.29 -2.04 -1.30
CA PRO A 74 17.69 -0.75 -0.84
C PRO A 74 17.55 0.22 -1.98
N LEU A 75 16.51 1.04 -1.90
CA LEU A 75 16.14 1.99 -2.96
C LEU A 75 16.19 3.41 -2.41
N GLN A 76 16.92 4.26 -3.09
CA GLN A 76 16.97 5.71 -2.78
CA GLN A 76 16.96 5.70 -2.78
C GLN A 76 15.93 6.43 -3.62
N GLN A 77 15.01 7.14 -2.95
CA GLN A 77 13.87 7.73 -3.65
C GLN A 77 14.16 9.19 -3.96
N VAL A 78 14.55 9.42 -5.19
CA VAL A 78 15.04 10.72 -5.66
C VAL A 78 13.88 11.43 -6.33
N ALA A 79 13.55 12.64 -5.85
CA ALA A 79 12.40 13.40 -6.39
C ALA A 79 12.75 14.37 -7.48
N SER A 80 11.76 14.66 -8.32
N SER A 80 11.76 14.61 -8.30
CA SER A 80 11.82 15.76 -9.31
CA SER A 80 11.90 15.51 -9.40
C SER A 80 10.45 16.43 -9.34
C SER A 80 10.62 16.30 -9.46
N GLY A 81 10.42 17.75 -9.52
N GLY A 81 10.70 17.62 -9.39
CA GLY A 81 9.18 18.47 -9.76
CA GLY A 81 9.52 18.42 -9.48
C GLY A 81 9.15 19.62 -8.79
C GLY A 81 9.47 19.38 -8.34
N ARG A 82 8.06 19.75 -8.06
N ARG A 82 8.23 19.81 -8.08
CA ARG A 82 7.85 20.80 -7.09
CA ARG A 82 7.90 20.80 -7.07
C ARG A 82 7.30 20.21 -5.84
C ARG A 82 7.31 20.20 -5.83
N ALA A 83 7.30 20.97 -4.76
CA ALA A 83 7.11 20.39 -3.46
C ALA A 83 5.85 19.59 -3.35
N GLY A 84 4.79 20.09 -3.95
CA GLY A 84 3.52 19.46 -3.89
C GLY A 84 3.13 18.55 -5.05
N VAL A 85 3.94 18.54 -6.10
CA VAL A 85 3.64 17.82 -7.33
C VAL A 85 4.97 17.35 -7.84
N PHE A 86 5.29 16.08 -7.56
CA PHE A 86 6.58 15.53 -7.92
C PHE A 86 6.51 14.05 -8.24
N THR A 87 7.52 13.60 -9.00
CA THR A 87 7.74 12.18 -9.19
C THR A 87 8.95 11.76 -8.41
N GLN A 88 9.07 10.47 -8.19
CA GLN A 88 10.23 9.91 -7.59
C GLN A 88 10.69 8.68 -8.39
N TYR A 89 12.00 8.55 -8.50
CA TYR A 89 12.62 7.39 -9.11
C TYR A 89 13.43 6.68 -8.06
N HIS A 90 13.57 5.40 -8.26
CA HIS A 90 14.23 4.57 -7.30
C HIS A 90 15.59 4.16 -7.80
N LYS A 91 16.59 4.62 -7.09
CA LYS A 91 17.97 4.35 -7.39
C LYS A 91 18.43 3.20 -6.52
N LYS A 92 18.96 2.16 -7.14
CA LYS A 92 19.39 0.97 -6.40
C LYS A 92 20.68 1.27 -5.63
N LYS A 93 20.74 0.76 -4.42
CA LYS A 93 21.85 0.86 -3.52
C LYS A 93 22.35 -0.53 -3.17
N LYS A 94 23.57 -0.56 -2.64
CA LYS A 94 24.18 -1.77 -2.17
C LYS A 94 23.41 -2.40 -1.00
N ALA A 95 23.38 -3.74 -0.90
CA ALA A 95 22.67 -4.43 0.12
C ALA A 95 23.11 -3.99 1.51
N MET A 96 22.20 -4.15 2.44
N MET A 96 22.15 -4.00 2.43
CA MET A 96 22.56 -4.00 3.84
CA MET A 96 22.37 -3.74 3.88
C MET A 96 21.53 -4.71 4.69
C MET A 96 21.52 -4.72 4.67
N THR A 97 21.92 -5.02 5.90
CA THR A 97 21.03 -5.68 6.86
C THR A 97 20.08 -4.69 7.45
N VAL A 98 19.05 -5.20 8.07
CA VAL A 98 18.11 -4.35 8.77
C VAL A 98 18.83 -3.64 9.91
N GLY A 99 19.76 -4.24 10.61
CA GLY A 99 20.52 -3.50 11.59
C GLY A 99 21.26 -2.36 11.06
N GLU A 100 21.89 -2.51 9.93
CA GLU A 100 22.61 -1.48 9.25
C GLU A 100 21.67 -0.35 8.80
N TYR A 101 20.53 -0.74 8.26
CA TYR A 101 19.50 0.19 7.82
C TYR A 101 18.95 1.02 8.98
N ARG A 102 18.69 0.44 10.10
CA ARG A 102 18.17 1.13 11.27
C ARG A 102 19.18 2.19 11.70
N HIS A 103 20.44 1.83 11.70
CA HIS A 103 21.47 2.78 12.07
C HIS A 103 21.51 3.94 11.09
N LEU A 104 21.38 3.68 9.82
CA LEU A 104 21.33 4.69 8.81
C LEU A 104 20.11 5.61 8.96
N ALA A 105 18.98 5.04 9.22
CA ALA A 105 17.74 5.80 9.42
C ALA A 105 17.86 6.75 10.60
N ASN A 106 18.55 6.34 11.62
CA ASN A 106 18.75 7.12 12.82
C ASN A 106 19.95 8.09 12.76
N SER A 107 20.70 8.09 11.68
CA SER A 107 21.82 9.03 11.55
C SER A 107 21.36 10.44 11.35
N LYS A 108 22.30 11.32 11.55
CA LYS A 108 21.89 12.69 11.43
CA LYS A 108 21.93 12.69 11.42
C LYS A 108 21.27 13.20 10.02
N LYS A 109 21.83 12.52 9.02
CA LYS A 109 21.40 12.81 7.68
C LYS A 109 19.98 12.43 7.41
N TYR A 110 19.48 11.35 8.04
CA TYR A 110 18.18 10.74 7.77
C TYR A 110 17.18 10.76 8.88
N GLN A 111 17.55 11.14 10.07
CA GLN A 111 16.63 11.05 11.20
CA GLN A 111 16.62 11.02 11.19
C GLN A 111 15.51 12.05 11.14
N THR A 112 14.40 11.66 11.69
CA THR A 112 13.24 12.50 11.83
C THR A 112 13.60 13.79 12.61
N PRO A 113 13.25 14.97 12.06
CA PRO A 113 13.50 16.20 12.80
C PRO A 113 12.61 16.31 14.02
N PRO A 114 13.02 17.17 14.96
CA PRO A 114 12.11 17.53 16.03
C PRO A 114 10.79 18.09 15.54
N HIS A 115 9.69 17.73 16.17
CA HIS A 115 8.38 18.14 15.73
C HIS A 115 7.37 18.08 16.87
N GLN A 116 6.30 18.86 16.76
CA GLN A 116 5.37 19.00 17.86
C GLN A 116 4.31 17.91 17.95
N ASN A 117 3.88 17.44 16.78
CA ASN A 117 2.76 16.50 16.68
C ASN A 117 2.74 15.97 15.22
N PHE A 118 1.80 15.08 14.86
CA PHE A 118 1.73 14.47 13.54
C PHE A 118 1.47 15.55 12.48
N GLU A 119 0.68 16.59 12.80
CA GLU A 119 0.37 17.68 11.88
CA GLU A 119 0.41 17.63 11.83
C GLU A 119 1.63 18.48 11.49
N ASP A 120 2.46 18.78 12.49
CA ASP A 120 3.70 19.56 12.25
C ASP A 120 4.60 18.73 11.40
N LEU A 121 4.67 17.44 11.68
CA LEU A 121 5.56 16.62 10.87
C LEU A 121 5.05 16.50 9.43
N GLU A 122 3.75 16.42 9.29
CA GLU A 122 3.14 16.40 7.94
C GLU A 122 3.49 17.67 7.14
N ARG A 123 3.36 18.78 7.83
CA ARG A 123 3.79 19.99 7.21
CA ARG A 123 3.80 19.98 7.20
C ARG A 123 5.34 20.09 6.66
N LYS A 124 6.14 19.56 7.56
CA LYS A 124 7.59 19.44 7.23
C LYS A 124 7.79 18.51 6.07
N TYR A 125 7.05 17.40 6.06
CA TYR A 125 7.19 16.41 4.97
C TYR A 125 6.91 17.10 3.62
N TRP A 126 5.73 17.71 3.49
CA TRP A 126 5.31 18.32 2.24
C TRP A 126 6.19 19.51 1.84
N LYS A 127 6.64 20.25 2.80
CA LYS A 127 7.52 21.37 2.54
C LYS A 127 8.89 20.97 2.02
N ASN A 128 9.47 19.95 2.61
CA ASN A 128 10.84 19.56 2.37
C ASN A 128 11.20 18.22 1.74
N ARG A 129 10.23 17.38 1.49
CA ARG A 129 10.52 16.05 0.98
C ARG A 129 11.36 16.03 -0.27
N ILE A 130 11.11 16.90 -1.20
CA ILE A 130 11.82 16.87 -2.47
C ILE A 130 13.31 17.13 -2.37
N TYR A 131 13.73 17.81 -1.32
CA TYR A 131 15.09 18.17 -1.12
C TYR A 131 15.98 17.12 -0.50
N ASN A 132 15.41 15.96 -0.22
CA ASN A 132 16.14 14.86 0.39
C ASN A 132 15.80 13.59 -0.41
C ASN A 132 15.80 13.59 -0.41
N SER A 133 16.66 12.60 -0.29
CA SER A 133 16.38 11.34 -0.95
CA SER A 133 16.44 11.31 -0.98
C SER A 133 16.57 10.19 0.02
N PRO A 134 15.51 9.85 0.71
CA PRO A 134 15.56 8.76 1.67
C PRO A 134 15.71 7.38 1.01
N ILE A 135 16.16 6.45 1.81
CA ILE A 135 16.43 5.11 1.35
C ILE A 135 15.47 4.19 2.05
N TYR A 136 14.97 3.23 1.29
CA TYR A 136 14.09 2.24 1.85
C TYR A 136 14.17 0.85 1.29
N GLY A 137 13.68 -0.05 2.09
CA GLY A 137 13.63 -1.44 1.77
C GLY A 137 12.21 -1.78 1.43
N ALA A 138 11.98 -2.20 0.22
CA ALA A 138 10.64 -2.51 -0.22
C ALA A 138 10.42 -3.84 -0.88
N ASP A 139 9.21 -4.35 -0.76
CA ASP A 139 8.81 -5.54 -1.43
C ASP A 139 9.76 -6.71 -1.16
N ILE A 140 10.09 -6.89 0.08
CA ILE A 140 11.03 -7.95 0.51
C ILE A 140 10.14 -9.14 0.89
N SER A 141 10.18 -10.22 0.13
N SER A 141 10.20 -10.19 0.11
CA SER A 141 9.35 -11.35 0.47
CA SER A 141 9.42 -11.37 0.40
C SER A 141 9.71 -11.86 1.80
C SER A 141 9.73 -11.91 1.78
N GLY A 142 8.73 -12.06 2.65
CA GLY A 142 8.94 -12.55 3.99
C GLY A 142 7.82 -12.19 4.90
N SER A 143 7.94 -12.63 6.16
CA SER A 143 6.95 -12.32 7.21
C SER A 143 7.59 -12.26 8.56
N LEU A 144 7.05 -11.39 9.39
CA LEU A 144 7.43 -11.29 10.79
C LEU A 144 6.33 -11.78 11.76
N PHE A 145 5.29 -12.39 11.26
CA PHE A 145 4.31 -12.97 12.11
C PHE A 145 4.81 -14.33 12.59
N ASP A 146 4.62 -14.58 13.84
CA ASP A 146 4.95 -15.87 14.44
C ASP A 146 4.00 -16.86 13.87
N GLU A 147 4.49 -18.05 13.58
CA GLU A 147 3.66 -19.09 13.03
C GLU A 147 2.56 -19.47 13.95
N ASN A 148 2.72 -19.23 15.24
CA ASN A 148 1.70 -19.56 16.21
C ASN A 148 0.63 -18.47 16.37
N THR A 149 0.76 -17.32 15.68
CA THR A 149 -0.29 -16.29 15.64
C THR A 149 -1.36 -16.70 14.68
N LYS A 150 -2.52 -17.03 15.24
CA LYS A 150 -3.59 -17.61 14.45
C LYS A 150 -4.55 -16.62 13.85
N GLN A 151 -4.60 -15.44 14.42
CA GLN A 151 -5.55 -14.41 14.04
C GLN A 151 -4.79 -13.35 13.22
N TRP A 152 -5.30 -12.99 12.07
CA TRP A 152 -4.77 -11.89 11.28
C TRP A 152 -3.27 -12.02 11.00
N ASN A 153 -2.86 -13.24 10.70
CA ASN A 153 -1.50 -13.53 10.31
C ASN A 153 -1.49 -13.40 8.80
N LEU A 154 -0.75 -12.43 8.35
CA LEU A 154 -0.73 -12.07 6.94
C LEU A 154 -0.16 -13.10 6.02
N GLY A 155 0.57 -14.05 6.56
CA GLY A 155 1.12 -15.18 5.84
C GLY A 155 0.17 -16.35 5.82
N HIS A 156 -1.00 -16.25 6.41
CA HIS A 156 -1.94 -17.38 6.50
C HIS A 156 -3.32 -17.03 6.03
N LEU A 157 -3.44 -16.06 5.19
CA LEU A 157 -4.74 -15.68 4.71
C LEU A 157 -5.12 -16.59 3.53
N GLY A 158 -6.39 -16.61 3.21
CA GLY A 158 -6.78 -17.29 1.98
C GLY A 158 -6.18 -16.65 0.77
N THR A 159 -5.82 -17.44 -0.25
CA THR A 159 -5.15 -16.88 -1.36
C THR A 159 -6.14 -16.30 -2.39
N ILE A 160 -5.60 -15.40 -3.20
CA ILE A 160 -6.44 -14.81 -4.23
CA ILE A 160 -6.38 -14.77 -4.25
C ILE A 160 -6.75 -15.86 -5.31
N GLN A 161 -5.79 -16.77 -5.56
CA GLN A 161 -6.05 -17.82 -6.52
C GLN A 161 -7.21 -18.71 -6.05
N ASP A 162 -7.24 -19.00 -4.76
CA ASP A 162 -8.35 -19.78 -4.25
C ASP A 162 -9.67 -19.05 -4.24
N LEU A 163 -9.64 -17.76 -4.03
CA LEU A 163 -10.84 -16.92 -4.12
C LEU A 163 -11.38 -16.96 -5.54
N LEU A 164 -10.50 -16.70 -6.47
CA LEU A 164 -10.94 -16.78 -7.87
CA LEU A 164 -10.97 -16.85 -7.81
C LEU A 164 -11.56 -18.19 -8.36
N GLU A 165 -10.93 -19.23 -7.76
CA GLU A 165 -11.43 -20.52 -8.09
C GLU A 165 -12.77 -20.76 -7.41
N LYS A 166 -12.92 -20.32 -6.16
CA LYS A 166 -14.19 -20.46 -5.46
CA LYS A 166 -14.17 -20.41 -5.40
C LYS A 166 -15.30 -19.65 -6.09
N GLU A 167 -14.99 -18.45 -6.63
CA GLU A 167 -16.05 -17.62 -7.20
C GLU A 167 -16.39 -17.98 -8.62
N CYS A 168 -15.42 -18.32 -9.42
N CYS A 168 -15.35 -18.32 -9.39
CA CYS A 168 -15.67 -18.45 -10.83
CA CYS A 168 -15.55 -18.46 -10.81
C CYS A 168 -15.43 -19.80 -11.43
C CYS A 168 -15.41 -19.87 -11.37
N GLY A 169 -14.87 -20.72 -10.59
CA GLY A 169 -14.76 -22.15 -10.83
C GLY A 169 -13.53 -22.72 -11.49
N VAL A 170 -12.56 -21.92 -11.82
CA VAL A 170 -11.39 -22.40 -12.47
C VAL A 170 -10.14 -22.32 -11.64
N VAL A 171 -9.31 -23.37 -11.58
CA VAL A 171 -8.07 -23.36 -10.92
C VAL A 171 -7.08 -22.59 -11.77
N ILE A 172 -6.26 -21.82 -11.07
CA ILE A 172 -5.20 -21.10 -11.72
C ILE A 172 -3.90 -21.28 -10.96
N GLU A 173 -2.81 -21.11 -11.67
CA GLU A 173 -1.47 -21.12 -11.12
C GLU A 173 -1.29 -19.81 -10.36
N GLY A 174 -0.28 -19.81 -9.53
CA GLY A 174 0.14 -18.65 -8.77
C GLY A 174 0.06 -18.82 -7.29
N VAL A 175 0.85 -17.97 -6.64
CA VAL A 175 0.91 -17.89 -5.20
C VAL A 175 0.85 -16.45 -4.78
N ASN A 176 0.65 -16.29 -3.48
N ASN A 176 0.52 -16.18 -3.55
CA ASN A 176 0.27 -15.01 -2.87
CA ASN A 176 0.79 -14.83 -3.11
C ASN A 176 1.05 -14.99 -1.53
C ASN A 176 1.09 -14.90 -1.67
N THR A 177 2.19 -14.28 -1.39
CA THR A 177 2.88 -14.23 -0.06
C THR A 177 3.18 -12.78 0.38
N PRO A 178 3.43 -12.56 1.68
CA PRO A 178 3.57 -11.20 2.14
C PRO A 178 4.90 -10.60 1.79
N TYR A 179 4.97 -9.30 1.94
CA TYR A 179 6.14 -8.50 1.75
C TYR A 179 6.41 -7.60 2.97
N LEU A 180 7.68 -7.41 3.25
CA LEU A 180 8.18 -6.52 4.26
C LEU A 180 8.69 -5.24 3.61
N TYR A 181 8.54 -4.17 4.43
CA TYR A 181 8.96 -2.81 4.07
C TYR A 181 9.72 -2.26 5.24
N PHE A 182 10.91 -1.79 5.08
CA PHE A 182 11.67 -1.08 6.12
C PHE A 182 11.81 0.34 5.61
N GLY A 183 11.30 1.27 6.44
CA GLY A 183 11.21 2.69 6.07
C GLY A 183 12.00 3.56 6.99
N MET A 184 12.16 4.84 6.56
CA MET A 184 12.76 5.88 7.35
C MET A 184 11.97 7.14 7.09
N TRP A 185 12.35 8.20 7.83
CA TRP A 185 11.75 9.51 7.63
C TRP A 185 11.74 9.87 6.16
N LYS A 186 10.60 10.30 5.67
CA LYS A 186 10.36 10.77 4.28
C LYS A 186 10.22 9.67 3.28
N THR A 187 10.49 8.41 3.62
CA THR A 187 10.18 7.33 2.71
CA THR A 187 10.22 7.39 2.62
C THR A 187 8.73 7.45 2.28
N THR A 188 8.46 7.29 1.00
CA THR A 188 7.21 7.69 0.36
C THR A 188 6.60 6.62 -0.46
N PHE A 189 5.33 6.37 -0.36
CA PHE A 189 4.61 5.53 -1.29
C PHE A 189 3.73 6.40 -2.17
N ALA A 190 3.91 6.33 -3.44
CA ALA A 190 3.22 7.15 -4.39
C ALA A 190 1.77 6.72 -4.54
N TRP A 191 1.01 7.65 -5.16
CA TRP A 191 -0.42 7.39 -5.42
C TRP A 191 -0.66 6.18 -6.32
N HIS A 192 -1.49 5.28 -5.84
CA HIS A 192 -1.76 4.05 -6.61
C HIS A 192 -2.99 3.35 -6.07
N THR A 193 -3.57 2.50 -6.90
CA THR A 193 -4.38 1.40 -6.41
C THR A 193 -3.54 0.12 -6.50
N GLU A 194 -4.03 -0.96 -5.93
CA GLU A 194 -3.32 -2.23 -6.03
C GLU A 194 -3.44 -2.81 -7.40
N ASP A 195 -2.52 -3.72 -7.69
CA ASP A 195 -2.59 -4.50 -8.91
C ASP A 195 -3.98 -5.13 -9.03
N MET A 196 -4.55 -4.98 -10.18
CA MET A 196 -5.85 -5.51 -10.39
CA MET A 196 -5.85 -5.52 -10.43
C MET A 196 -7.08 -5.08 -9.44
N ASP A 197 -6.74 -3.88 -8.87
CA ASP A 197 -7.63 -3.23 -7.91
C ASP A 197 -7.99 -4.13 -6.76
N LEU A 198 -6.99 -4.94 -6.35
CA LEU A 198 -7.15 -5.82 -5.18
C LEU A 198 -7.28 -5.03 -3.86
N TYR A 199 -7.70 -5.70 -2.80
CA TYR A 199 -7.55 -5.19 -1.46
C TYR A 199 -6.09 -5.27 -1.06
N SER A 200 -5.64 -4.50 -0.07
CA SER A 200 -4.40 -4.74 0.62
C SER A 200 -4.63 -4.73 2.11
N ILE A 201 -3.83 -5.45 2.87
CA ILE A 201 -3.77 -5.34 4.30
C ILE A 201 -2.35 -5.08 4.69
N ASN A 202 -2.21 -4.31 5.75
N ASN A 202 -2.16 -4.11 5.59
CA ASN A 202 -0.96 -3.66 6.08
CA ASN A 202 -0.84 -3.62 6.04
C ASN A 202 -0.76 -3.57 7.56
C ASN A 202 -0.85 -3.74 7.56
N TYR A 203 0.26 -4.21 8.10
CA TYR A 203 0.52 -4.18 9.50
C TYR A 203 1.81 -3.47 9.81
N LEU A 204 1.77 -2.57 10.76
CA LEU A 204 2.95 -1.85 11.18
C LEU A 204 3.48 -2.57 12.41
N HIS A 205 4.55 -3.32 12.15
CA HIS A 205 5.16 -4.16 13.16
C HIS A 205 5.83 -3.38 14.27
N LEU A 206 6.59 -2.37 13.86
N LEU A 206 6.59 -2.37 13.86
CA LEU A 206 7.62 -1.78 14.74
CA LEU A 206 7.43 -1.68 14.83
C LEU A 206 7.94 -0.37 14.27
C LEU A 206 7.79 -0.33 14.27
N GLY A 207 8.18 0.53 15.19
CA GLY A 207 8.80 1.82 14.89
C GLY A 207 7.82 2.92 14.75
N GLU A 208 8.26 3.89 13.97
CA GLU A 208 7.57 5.16 13.92
C GLU A 208 6.36 5.07 12.97
N PRO A 209 5.43 6.08 13.01
CA PRO A 209 4.21 5.95 12.23
C PRO A 209 4.36 6.01 10.71
N LYS A 210 3.32 5.65 10.09
CA LYS A 210 3.11 5.85 8.67
CA LYS A 210 3.11 5.85 8.67
C LYS A 210 1.68 6.66 8.35
N THR A 211 1.87 7.81 7.72
CA THR A 211 0.70 8.63 7.38
C THR A 211 0.20 8.22 6.02
N TRP A 212 -1.11 8.05 5.94
CA TRP A 212 -1.79 7.64 4.73
C TRP A 212 -2.75 8.71 4.21
N TYR A 213 -2.86 8.81 2.92
CA TYR A 213 -3.83 9.60 2.21
C TYR A 213 -4.64 8.66 1.35
N VAL A 214 -5.94 8.85 1.20
CA VAL A 214 -6.76 7.97 0.48
C VAL A 214 -7.92 8.67 -0.25
N VAL A 215 -8.25 8.28 -1.46
CA VAL A 215 -9.38 8.81 -2.22
C VAL A 215 -10.45 7.76 -2.24
N PRO A 216 -11.72 8.09 -1.90
CA PRO A 216 -12.82 7.11 -1.93
C PRO A 216 -12.85 6.43 -3.31
N PRO A 217 -13.11 5.14 -3.38
CA PRO A 217 -13.20 4.43 -4.68
C PRO A 217 -14.17 5.11 -5.59
N GLU A 218 -15.31 5.60 -5.11
CA GLU A 218 -16.29 6.19 -6.00
C GLU A 218 -15.78 7.44 -6.66
N HIS A 219 -14.70 8.01 -6.18
CA HIS A 219 -14.12 9.25 -6.71
C HIS A 219 -12.73 9.05 -7.35
N GLY A 220 -12.32 7.78 -7.54
CA GLY A 220 -10.96 7.55 -8.04
C GLY A 220 -10.69 8.21 -9.37
N GLN A 221 -11.67 8.28 -10.24
N GLN A 221 -11.68 8.29 -10.22
CA GLN A 221 -11.46 8.88 -11.55
CA GLN A 221 -11.46 8.87 -11.55
C GLN A 221 -11.08 10.35 -11.41
C GLN A 221 -11.22 10.35 -11.49
N ARG A 222 -11.59 11.02 -10.39
CA ARG A 222 -11.25 12.43 -10.19
C ARG A 222 -9.76 12.57 -9.96
N LEU A 223 -9.19 11.66 -9.17
CA LEU A 223 -7.80 11.72 -8.96
C LEU A 223 -7.02 11.44 -10.27
N GLU A 224 -7.50 10.46 -11.02
CA GLU A 224 -6.86 10.15 -12.28
C GLU A 224 -6.84 11.33 -13.23
N ARG A 225 -7.96 12.04 -13.31
CA ARG A 225 -8.02 13.20 -14.20
CA ARG A 225 -8.02 13.22 -14.18
C ARG A 225 -7.03 14.28 -13.77
N LEU A 226 -6.97 14.56 -12.49
CA LEU A 226 -5.98 15.53 -11.99
C LEU A 226 -4.54 15.08 -12.29
N ALA A 227 -4.26 13.82 -12.02
CA ALA A 227 -2.96 13.28 -12.29
C ALA A 227 -2.59 13.46 -13.75
N ARG A 228 -3.51 13.21 -14.68
CA ARG A 228 -3.18 13.43 -16.07
CA ARG A 228 -3.20 13.41 -16.09
C ARG A 228 -2.86 14.88 -16.38
N GLU A 229 -3.55 15.80 -15.74
CA GLU A 229 -3.26 17.22 -15.87
C GLU A 229 -1.89 17.65 -15.29
N LEU A 230 -1.55 17.05 -14.14
CA LEU A 230 -0.34 17.46 -13.42
C LEU A 230 0.92 16.79 -13.93
N PHE A 231 0.79 15.66 -14.62
CA PHE A 231 1.94 14.89 -15.14
C PHE A 231 1.65 14.52 -16.60
N PRO A 232 1.65 15.63 -17.42
CA PRO A 232 1.25 15.43 -18.81
C PRO A 232 2.12 14.53 -19.68
N GLY A 233 3.41 14.62 -19.54
CA GLY A 233 4.27 13.75 -20.29
C GLY A 233 4.05 12.30 -19.91
N SER A 234 3.93 12.05 -18.63
CA SER A 234 3.72 10.69 -18.12
C SER A 234 2.42 10.11 -18.63
N SER A 235 1.40 10.93 -18.66
CA SER A 235 0.12 10.53 -19.13
C SER A 235 0.13 10.16 -20.60
N ARG A 236 0.83 10.92 -21.41
CA ARG A 236 0.94 10.62 -22.83
C ARG A 236 1.62 9.26 -23.01
N GLY A 237 2.57 8.97 -22.18
CA GLY A 237 3.28 7.72 -22.19
C GLY A 237 2.52 6.47 -21.88
N CYS A 238 1.58 6.58 -20.96
CA CYS A 238 0.78 5.46 -20.52
C CYS A 238 -0.58 5.85 -19.99
N GLY A 239 -1.60 5.23 -20.51
CA GLY A 239 -2.97 5.47 -20.09
C GLY A 239 -3.31 5.10 -18.67
N ALA A 240 -2.42 4.40 -18.02
CA ALA A 240 -2.61 3.96 -16.62
C ALA A 240 -1.32 4.25 -15.85
N PHE A 241 -0.70 5.43 -16.08
CA PHE A 241 0.59 5.67 -15.53
C PHE A 241 0.67 5.68 -14.01
N LEU A 242 -0.45 5.91 -13.34
CA LEU A 242 -0.36 5.85 -11.85
C LEU A 242 0.05 4.43 -11.38
N ARG A 243 -0.13 3.44 -12.25
CA ARG A 243 0.34 2.04 -12.08
CA ARG A 243 0.34 2.13 -11.82
C ARG A 243 1.84 2.01 -11.88
N HIS A 244 2.54 2.99 -12.38
CA HIS A 244 3.97 3.01 -12.29
C HIS A 244 4.39 3.30 -10.87
N LYS A 245 3.51 3.90 -10.03
CA LYS A 245 3.80 4.14 -8.62
C LYS A 245 5.00 5.07 -8.47
N VAL A 246 4.92 6.19 -9.14
CA VAL A 246 5.95 7.22 -9.02
C VAL A 246 5.46 8.66 -8.80
N ALA A 247 4.15 8.89 -8.81
CA ALA A 247 3.64 10.27 -8.75
C ALA A 247 3.05 10.60 -7.38
N LEU A 248 3.45 11.77 -6.90
CA LEU A 248 2.98 12.35 -5.65
C LEU A 248 2.29 13.72 -5.91
N ILE A 249 1.17 13.86 -5.17
CA ILE A 249 0.35 15.10 -5.18
C ILE A 249 0.04 15.33 -3.70
N SER A 250 0.32 16.54 -3.22
CA SER A 250 0.14 16.86 -1.78
C SER A 250 -1.34 17.06 -1.42
N PRO A 251 -1.68 17.00 -0.15
CA PRO A 251 -3.04 17.30 0.27
C PRO A 251 -3.50 18.76 -0.10
N THR A 252 -2.58 19.67 -0.05
CA THR A 252 -2.89 21.04 -0.42
C THR A 252 -3.32 21.15 -1.89
N VAL A 253 -2.58 20.48 -2.76
CA VAL A 253 -2.92 20.45 -4.15
C VAL A 253 -4.22 19.73 -4.41
N LEU A 254 -4.45 18.63 -3.73
CA LEU A 254 -5.71 17.91 -3.86
C LEU A 254 -6.88 18.78 -3.42
N LYS A 255 -6.70 19.41 -2.28
CA LYS A 255 -7.74 20.39 -1.83
CA LYS A 255 -7.73 20.37 -1.82
C LYS A 255 -8.06 21.65 -2.81
N GLU A 256 -7.01 22.18 -3.36
CA GLU A 256 -7.10 23.22 -4.36
C GLU A 256 -7.90 22.82 -5.55
N ASN A 257 -7.78 21.56 -5.91
CA ASN A 257 -8.45 20.95 -7.03
C ASN A 257 -9.77 20.21 -6.74
N GLY A 258 -10.23 20.33 -5.52
CA GLY A 258 -11.47 19.72 -5.12
C GLY A 258 -11.57 18.22 -5.09
N ILE A 259 -10.42 17.56 -4.95
CA ILE A 259 -10.40 16.13 -4.96
C ILE A 259 -10.79 15.58 -3.58
N PRO A 260 -11.82 14.75 -3.50
CA PRO A 260 -12.17 14.26 -2.17
CA PRO A 260 -12.24 14.16 -2.22
C PRO A 260 -11.14 13.25 -1.70
N PHE A 261 -10.68 13.47 -0.50
CA PHE A 261 -9.70 12.57 0.14
C PHE A 261 -9.75 12.62 1.64
N ASN A 262 -9.08 11.70 2.29
CA ASN A 262 -8.94 11.66 3.71
C ASN A 262 -7.54 11.26 4.09
N ARG A 263 -7.19 11.52 5.32
CA ARG A 263 -5.90 11.19 5.83
C ARG A 263 -5.98 10.58 7.23
N ILE A 264 -5.03 9.73 7.56
CA ILE A 264 -4.94 9.10 8.86
C ILE A 264 -3.52 8.63 9.11
N THR A 265 -3.14 8.58 10.35
CA THR A 265 -1.81 8.08 10.70
C THR A 265 -1.94 6.73 11.36
N GLN A 266 -1.17 5.75 10.88
CA GLN A 266 -1.07 4.40 11.43
C GLN A 266 0.11 4.33 12.36
N GLU A 267 -0.08 3.71 13.51
CA GLU A 267 0.93 3.53 14.50
C GLU A 267 1.25 2.04 14.65
N ALA A 268 2.37 1.76 15.31
CA ALA A 268 2.82 0.36 15.47
C ALA A 268 1.73 -0.39 16.18
N GLY A 269 1.51 -1.59 15.69
CA GLY A 269 0.50 -2.45 16.26
C GLY A 269 -0.90 -2.40 15.63
N GLU A 270 -1.05 -1.56 14.62
CA GLU A 270 -2.30 -1.31 13.92
C GLU A 270 -2.24 -1.86 12.52
N PHE A 271 -3.38 -2.33 12.09
CA PHE A 271 -3.60 -2.76 10.70
C PHE A 271 -4.33 -1.68 9.93
N MET A 272 -4.03 -1.57 8.65
CA MET A 272 -4.77 -0.78 7.68
C MET A 272 -5.20 -1.68 6.56
N VAL A 273 -6.45 -1.62 6.15
CA VAL A 273 -6.97 -2.28 4.97
C VAL A 273 -7.27 -1.30 3.90
N THR A 274 -6.72 -1.47 2.71
CA THR A 274 -7.20 -0.73 1.55
C THR A 274 -8.17 -1.53 0.78
N PHE A 275 -9.19 -0.88 0.22
CA PHE A 275 -10.27 -1.50 -0.51
C PHE A 275 -10.09 -1.37 -2.01
N PRO A 276 -10.78 -2.21 -2.77
CA PRO A 276 -10.63 -2.20 -4.22
C PRO A 276 -10.82 -0.81 -4.73
N TYR A 277 -9.88 -0.37 -5.56
CA TYR A 277 -9.92 0.89 -6.26
C TYR A 277 -9.82 2.07 -5.33
N GLY A 278 -9.29 1.91 -4.14
CA GLY A 278 -9.04 3.00 -3.22
C GLY A 278 -7.61 3.47 -3.47
N TYR A 279 -7.45 4.63 -4.11
CA TYR A 279 -6.15 5.19 -4.33
C TYR A 279 -5.56 5.61 -3.01
N HIS A 280 -4.29 5.38 -2.81
CA HIS A 280 -3.62 5.74 -1.59
C HIS A 280 -2.18 6.13 -1.81
N ALA A 281 -1.63 6.88 -0.87
CA ALA A 281 -0.25 7.36 -0.89
C ALA A 281 0.12 7.61 0.52
N GLY A 282 1.39 7.81 0.84
CA GLY A 282 1.75 8.23 2.20
C GLY A 282 3.24 8.24 2.44
N PHE A 283 3.63 8.39 3.69
CA PHE A 283 5.01 8.54 4.07
C PHE A 283 5.23 7.97 5.47
N ASN A 284 6.49 7.64 5.73
CA ASN A 284 6.93 7.20 7.02
C ASN A 284 7.52 8.31 7.84
N HIS A 285 7.26 8.23 9.14
CA HIS A 285 7.73 9.27 10.08
C HIS A 285 9.20 9.10 10.49
N GLY A 286 9.70 7.88 10.39
CA GLY A 286 10.99 7.53 10.95
C GLY A 286 11.14 6.04 10.73
N PHE A 287 12.20 5.47 11.31
CA PHE A 287 12.48 4.01 11.11
C PHE A 287 11.28 3.21 11.49
N ASN A 288 10.85 2.34 10.58
CA ASN A 288 9.76 1.43 10.86
C ASN A 288 9.85 0.15 9.97
N CYS A 289 9.02 -0.80 10.33
CA CYS A 289 8.85 -2.00 9.59
CA CYS A 289 8.90 -2.06 9.63
C CYS A 289 7.41 -2.34 9.49
N ALA A 290 6.97 -2.58 8.27
CA ALA A 290 5.59 -2.94 7.97
C ALA A 290 5.59 -4.21 7.12
N GLU A 291 4.47 -4.89 7.16
CA GLU A 291 4.22 -6.10 6.35
C GLU A 291 2.93 -5.90 5.62
N ALA A 292 2.84 -6.34 4.37
CA ALA A 292 1.63 -6.14 3.59
C ALA A 292 1.44 -7.29 2.64
N ILE A 293 0.17 -7.50 2.27
CA ILE A 293 -0.16 -8.48 1.27
C ILE A 293 -1.44 -8.06 0.62
N ASN A 294 -1.67 -8.41 -0.61
CA ASN A 294 -2.93 -8.24 -1.28
C ASN A 294 -3.87 -9.39 -0.99
N PHE A 295 -5.15 -9.14 -1.02
CA PHE A 295 -6.14 -10.18 -0.88
C PHE A 295 -7.41 -9.83 -1.65
N ALA A 296 -8.30 -10.79 -1.75
CA ALA A 296 -9.59 -10.68 -2.47
C ALA A 296 -10.72 -11.18 -1.59
N THR A 297 -11.91 -10.73 -1.97
CA THR A 297 -13.18 -11.20 -1.47
C THR A 297 -14.12 -11.35 -2.63
N PRO A 298 -15.27 -11.94 -2.42
CA PRO A 298 -16.21 -11.98 -3.54
C PRO A 298 -16.51 -10.62 -4.21
N ARG A 299 -16.57 -9.57 -3.40
CA ARG A 299 -16.87 -8.25 -3.91
C ARG A 299 -15.77 -7.72 -4.81
N TRP A 300 -14.56 -8.23 -4.66
CA TRP A 300 -13.50 -7.80 -5.54
C TRP A 300 -13.68 -8.18 -7.01
N ILE A 301 -14.28 -9.31 -7.29
CA ILE A 301 -14.26 -9.84 -8.63
CA ILE A 301 -14.21 -9.78 -8.64
C ILE A 301 -14.66 -8.77 -9.67
N ASP A 302 -15.72 -8.02 -9.42
CA ASP A 302 -16.22 -6.98 -10.34
CA ASP A 302 -16.11 -7.07 -10.44
C ASP A 302 -15.16 -5.92 -10.57
N TYR A 303 -14.44 -5.58 -9.53
CA TYR A 303 -13.36 -4.62 -9.65
C TYR A 303 -12.20 -5.17 -10.51
N GLY A 304 -11.85 -6.47 -10.28
CA GLY A 304 -10.82 -7.09 -11.07
C GLY A 304 -11.12 -7.13 -12.54
N LYS A 305 -12.37 -7.37 -12.90
CA LYS A 305 -12.78 -7.39 -14.29
C LYS A 305 -12.63 -6.08 -14.98
N MET A 306 -12.70 -4.99 -14.26
CA MET A 306 -12.73 -3.61 -14.80
C MET A 306 -11.45 -2.88 -14.56
N ALA A 307 -10.45 -3.47 -13.86
CA ALA A 307 -9.22 -2.74 -13.52
C ALA A 307 -8.48 -2.30 -14.76
N SER A 308 -7.97 -1.09 -14.75
CA SER A 308 -7.13 -0.60 -15.85
C SER A 308 -5.84 -1.39 -15.78
N GLN A 309 -5.15 -1.36 -16.88
CA GLN A 309 -3.86 -1.97 -16.93
C GLN A 309 -2.82 -1.09 -17.59
N CYS A 310 -1.62 -1.20 -17.09
CA CYS A 310 -0.46 -0.60 -17.74
C CYS A 310 0.13 -1.65 -18.71
N SER A 311 0.30 -1.26 -19.93
CA SER A 311 0.80 -2.12 -20.97
CA SER A 311 0.95 -2.15 -20.87
C SER A 311 1.96 -1.41 -21.69
N CYS A 312 2.48 -0.29 -21.19
CA CYS A 312 3.57 0.43 -21.82
C CYS A 312 4.91 -0.14 -21.54
N GLY A 313 4.97 -1.05 -20.62
CA GLY A 313 6.15 -1.68 -20.13
C GLY A 313 6.70 -1.24 -18.80
N GLU A 314 6.51 -0.01 -18.38
CA GLU A 314 7.08 0.39 -17.12
C GLU A 314 6.60 -0.38 -15.90
N ALA A 315 5.29 -0.55 -15.73
CA ALA A 315 4.80 -1.27 -14.57
C ALA A 315 5.37 -2.69 -14.77
N ARG A 316 5.76 -3.33 -13.72
CA ARG A 316 6.49 -4.51 -13.32
C ARG A 316 5.99 -5.90 -13.81
N VAL A 317 6.93 -6.75 -14.09
CA VAL A 317 6.63 -8.09 -14.46
C VAL A 317 6.01 -8.66 -13.17
N THR A 318 4.82 -9.23 -13.32
CA THR A 318 4.09 -9.80 -12.22
C THR A 318 3.56 -11.19 -12.57
N PHE A 319 4.10 -12.21 -11.97
CA PHE A 319 3.72 -13.57 -12.35
C PHE A 319 2.30 -14.00 -12.02
N SER A 320 1.86 -13.76 -10.80
CA SER A 320 0.54 -14.13 -10.36
C SER A 320 -0.45 -13.25 -11.06
N MET A 321 -0.01 -12.04 -11.33
CA MET A 321 -1.00 -11.29 -12.11
CA MET A 321 -1.00 -11.32 -12.17
C MET A 321 -1.58 -11.73 -13.51
N ASP A 322 -0.73 -12.53 -14.14
CA ASP A 322 -1.01 -13.04 -15.46
C ASP A 322 -2.34 -13.76 -15.53
N ALA A 323 -2.55 -14.65 -14.59
CA ALA A 323 -3.73 -15.42 -14.56
C ALA A 323 -4.97 -14.59 -14.31
N PHE A 324 -4.83 -13.59 -13.47
CA PHE A 324 -5.95 -12.69 -13.19
CA PHE A 324 -5.98 -12.72 -13.25
C PHE A 324 -6.39 -11.94 -14.49
N VAL A 325 -5.44 -11.43 -15.24
CA VAL A 325 -5.76 -10.73 -16.48
C VAL A 325 -6.34 -11.75 -17.44
N ARG A 326 -5.69 -12.95 -17.56
CA ARG A 326 -6.08 -13.94 -18.54
C ARG A 326 -7.51 -14.38 -18.36
N ILE A 327 -7.91 -14.56 -17.12
CA ILE A 327 -9.28 -15.09 -16.81
C ILE A 327 -10.30 -13.91 -16.75
N LEU A 328 -9.98 -12.81 -16.09
CA LEU A 328 -10.94 -11.74 -15.89
C LEU A 328 -11.03 -10.79 -17.04
N GLN A 329 -9.94 -10.65 -17.82
N GLN A 329 -9.94 -10.63 -17.80
CA GLN A 329 -9.84 -9.62 -18.87
CA GLN A 329 -9.88 -9.61 -18.87
C GLN A 329 -9.31 -10.20 -20.17
C GLN A 329 -9.29 -10.22 -20.13
N PRO A 330 -9.95 -11.25 -20.69
CA PRO A 330 -9.38 -11.92 -21.86
C PRO A 330 -9.18 -11.01 -23.02
N GLU A 331 -10.03 -10.00 -23.27
CA GLU A 331 -9.80 -9.13 -24.40
CA GLU A 331 -9.81 -9.13 -24.43
C GLU A 331 -8.51 -8.33 -24.24
N ARG A 332 -8.09 -7.99 -23.03
CA ARG A 332 -6.87 -7.22 -22.81
C ARG A 332 -5.64 -8.00 -22.68
N TYR A 333 -5.78 -9.30 -22.53
CA TYR A 333 -4.65 -10.14 -22.17
C TYR A 333 -3.46 -10.05 -23.10
N ASP A 334 -3.68 -10.23 -24.37
CA ASP A 334 -2.54 -10.24 -25.28
CA ASP A 334 -2.60 -10.20 -25.37
C ASP A 334 -1.80 -8.92 -25.24
N LEU A 335 -2.49 -7.81 -25.20
CA LEU A 335 -1.76 -6.48 -25.10
C LEU A 335 -0.98 -6.33 -23.78
N TRP A 336 -1.63 -6.70 -22.67
CA TRP A 336 -1.01 -6.63 -21.39
C TRP A 336 0.28 -7.48 -21.41
N LYS A 337 0.18 -8.70 -21.96
CA LYS A 337 1.30 -9.64 -21.96
C LYS A 337 2.46 -9.09 -22.77
N ARG A 338 2.15 -8.45 -23.89
CA ARG A 338 3.23 -7.83 -24.73
C ARG A 338 3.99 -6.81 -23.84
N GLY A 339 3.24 -6.16 -22.95
CA GLY A 339 3.86 -5.22 -22.01
C GLY A 339 4.70 -5.82 -20.92
N GLN A 340 4.47 -7.10 -20.64
CA GLN A 340 5.24 -7.84 -19.66
C GLN A 340 6.54 -8.27 -20.30
ZN ZN B . 2.56 2.17 -18.13
CL CL C . 12.42 18.12 7.23
C1 EDO D . 10.00 24.44 8.78
O1 EDO D . 9.52 23.44 9.61
C2 EDO D . 11.03 23.80 7.93
O2 EDO D . 11.30 22.48 8.34
H11 EDO D . 9.20 24.85 8.16
H12 EDO D . 10.43 25.25 9.37
HO1 EDO D . 8.76 23.03 9.19
H21 EDO D . 10.71 23.80 6.90
H22 EDO D . 11.95 24.39 7.99
HO2 EDO D . 11.99 22.10 7.77
C1 EDO E . -4.98 -16.05 9.27
O1 EDO E . -4.56 -15.65 10.51
C2 EDO E . -6.45 -15.74 9.11
O2 EDO E . -7.26 -16.43 10.04
H11 EDO E . -4.41 -15.53 8.49
H12 EDO E . -4.82 -17.12 9.14
HO1 EDO E . -3.65 -15.96 10.64
H21 EDO E . -6.61 -14.68 9.23
H22 EDO E . -6.76 -16.01 8.09
HO2 EDO E . -8.18 -16.20 9.89
C1 EDO F . -3.43 20.04 4.77
O1 EDO F . -2.19 19.53 4.59
C2 EDO F . -3.99 20.69 3.51
O2 EDO F . -5.04 19.84 3.03
H11 EDO F . -4.13 19.29 5.13
H12 EDO F . -3.37 20.81 5.54
HO1 EDO F . -1.89 19.12 5.41
H21 EDO F . -3.21 20.79 2.76
H22 EDO F . -4.39 21.68 3.75
HO2 EDO F . -5.40 20.20 2.21
C1 EDO G . -18.43 -7.85 14.28
O1 EDO G . -19.59 -7.49 15.09
C2 EDO G . -18.70 -9.05 13.32
O2 EDO G . -17.91 -10.28 13.43
H11 EDO G . -17.59 -8.10 14.92
H12 EDO G . -18.13 -6.99 13.69
HO1 EDO G . -19.35 -6.74 15.67
H21 EDO G . -18.59 -8.68 12.30
H22 EDO G . -19.74 -9.32 13.45
HO2 EDO G . -18.20 -10.91 12.76
S SO4 H . 11.26 -13.53 18.88
O1 SO4 H . 11.70 -12.81 20.09
O2 SO4 H . 9.82 -13.22 18.62
O3 SO4 H . 12.20 -13.36 17.80
O4 SO4 H . 11.24 -14.95 19.20
S SO4 I . -15.66 5.73 13.44
O1 SO4 I . -15.42 6.83 14.35
O2 SO4 I . -16.36 6.15 12.23
O3 SO4 I . -14.33 5.28 13.19
O4 SO4 I . -16.68 4.64 13.87
NI NI J . -0.78 -0.04 -1.83
NAD BX5 K . 5.36 1.51 3.24
NAB BX5 K . 6.17 2.30 2.54
NAA BX5 K . 5.95 1.95 1.30
NAC BX5 K . 5.10 1.04 1.20
CAE BX5 K . 4.72 0.77 2.41
CAF BX5 K . 3.71 -0.26 2.79
CAG BX5 K . 2.70 -0.39 1.69
CAH BX5 K . 1.65 0.77 1.59
CAI BX5 K . 0.66 0.34 0.50
OAJ BX5 K . 0.63 0.87 -0.56
NAK BX5 K . -0.08 -0.70 0.75
NAL BX5 K . -0.88 -1.10 -0.25
HAB BX5 K . 6.74 2.93 2.85
HAF BX5 K . 3.27 0.01 3.62
HAG BX5 K . 4.17 -1.11 2.91
HAI BX5 K . 3.16 -0.46 0.84
HAH BX5 K . 2.21 -1.22 1.86
HAJ BX5 K . 1.18 0.83 2.45
HAK BX5 K . 2.06 1.63 1.38
HAO BX5 K . -0.05 -1.15 1.54
HAL BX5 K . -0.39 -1.19 -1.02
HAM BX5 K . -1.54 -0.48 -0.37
HAN BX5 K . -1.26 -1.90 -0.03
C1 GOL L . 21.37 1.90 15.95
O1 GOL L . 20.10 1.34 16.03
C2 GOL L . 21.13 3.35 15.70
O2 GOL L . 19.78 3.42 15.75
C3 GOL L . 21.76 4.24 16.76
O3 GOL L . 22.12 5.41 16.09
H11 GOL L . 21.93 1.46 15.12
H12 GOL L . 21.91 1.74 16.88
HO1 GOL L . 20.18 0.37 16.14
H2 GOL L . 21.52 3.66 14.74
H31 GOL L . 22.63 3.77 17.20
H32 GOL L . 21.03 4.46 17.55
HO3 GOL L . 21.34 5.78 15.64
#